data_5IC9
#
_entry.id   5IC9
#
_cell.length_a   160.311
_cell.length_b   160.311
_cell.length_c   134.703
_cell.angle_alpha   90.00
_cell.angle_beta   90.00
_cell.angle_gamma   120.00
#
_symmetry.space_group_name_H-M   'P 63 2 2'
#
loop_
_entity.id
_entity.type
_entity.pdbx_description
1 polymer 'Putative uncharacterized protein'
2 polymer 'Putative uncharacterized protein'
#
loop_
_entity_poly.entity_id
_entity_poly.type
_entity_poly.pdbx_seq_one_letter_code
_entity_poly.pdbx_strand_id
1 'polypeptide(L)'
;LTTSLEQDPDEQDANREIAAATKQTVETLMAGERIAEALELGMTDLNTIREWEEARQINPNIAPPQRNPIFVALGNIPAE
TYVLNTLQKIKPASLHDALLVLPFSTIPSLLTFLNLFAQRELNVPLTCRILFFVLKTHHKQIVASRTMRATLEKVRANLR
AALRRQKDEMGFNIAALKVVSMQLRDKSVREYVDETWEEKEKEKGVRKR
;
A,C
2 'polypeptide(L)'
;LVEQEQTLENYIHAGAYRDAIVLALQLNHPGRLLNLFTNVVTTRNPDPDSLTGLKAVDDVLAKLSDEQIFQLLLRLRDWN
TNARTAPVAQRVLWALFKSHPANKLSSLSVKGARGHKSLNEVLDAIKVYTERHYKRIEELVDESYLVEYTLREMDALTPQ
TEALEAGEDAVIAEA
;
B,D
#
# COMPACT_ATOMS: atom_id res chain seq x y z
N GLN A 24 35.69 -5.47 -24.47
CA GLN A 24 35.37 -4.17 -25.04
C GLN A 24 34.23 -3.49 -24.27
N THR A 25 33.68 -4.20 -23.29
CA THR A 25 32.57 -3.71 -22.48
C THR A 25 32.95 -2.49 -21.62
N VAL A 26 34.24 -2.37 -21.33
CA VAL A 26 34.76 -1.27 -20.51
C VAL A 26 34.36 0.11 -21.04
N GLU A 27 34.23 0.23 -22.36
CA GLU A 27 33.82 1.50 -22.95
C GLU A 27 32.32 1.72 -22.77
N THR A 28 31.57 0.63 -22.62
CA THR A 28 30.16 0.75 -22.27
C THR A 28 30.05 1.18 -20.82
N LEU A 29 31.08 0.84 -20.05
CA LEU A 29 31.16 1.30 -18.66
C LEU A 29 31.45 2.80 -18.63
N MET A 30 32.31 3.27 -19.51
CA MET A 30 32.54 4.71 -19.63
C MET A 30 31.27 5.40 -20.11
N ALA A 31 30.54 4.72 -20.98
CA ALA A 31 29.23 5.21 -21.43
C ALA A 31 28.34 5.35 -20.20
N GLY A 32 28.55 4.45 -19.24
CA GLY A 32 27.87 4.53 -17.96
C GLY A 32 28.30 5.78 -17.22
N GLU A 33 29.59 6.11 -17.33
CA GLU A 33 30.14 7.31 -16.70
C GLU A 33 29.59 8.59 -17.31
N ARG A 34 29.05 8.49 -18.52
CA ARG A 34 28.51 9.64 -19.22
C ARG A 34 27.42 10.32 -18.40
N ILE A 35 26.62 9.51 -17.69
CA ILE A 35 25.54 10.07 -16.87
C ILE A 35 26.06 10.80 -15.62
N ALA A 36 27.28 10.52 -15.21
CA ALA A 36 27.87 11.20 -14.05
C ALA A 36 27.97 12.70 -14.34
N GLU A 37 28.34 12.99 -15.59
CA GLU A 37 28.41 14.35 -16.08
C GLU A 37 27.03 14.99 -16.04
N ALA A 38 26.02 14.20 -16.39
CA ALA A 38 24.63 14.66 -16.35
C ALA A 38 24.23 14.99 -14.93
N LEU A 39 24.74 14.20 -13.98
CA LEU A 39 24.49 14.40 -12.56
C LEU A 39 25.13 15.69 -12.08
N GLU A 40 26.36 15.93 -12.51
CA GLU A 40 27.06 17.16 -12.15
C GLU A 40 26.30 18.36 -12.69
N LEU A 41 25.90 18.26 -13.95
CA LEU A 41 25.15 19.32 -14.60
C LEU A 41 23.85 19.62 -13.87
N GLY A 42 23.08 18.57 -13.59
CA GLY A 42 21.80 18.72 -12.93
C GLY A 42 21.91 19.29 -11.53
N MET A 43 22.89 18.80 -10.77
CA MET A 43 23.07 19.21 -9.39
C MET A 43 23.50 20.68 -9.31
N THR A 44 24.45 21.04 -10.15
CA THR A 44 24.90 22.43 -10.23
C THR A 44 23.76 23.35 -10.66
N ASP A 45 22.97 22.89 -11.63
CA ASP A 45 21.82 23.65 -12.09
C ASP A 45 20.84 23.85 -10.95
N LEU A 46 20.66 22.80 -10.16
CA LEU A 46 19.77 22.85 -9.00
C LEU A 46 20.26 23.89 -8.00
N ASN A 47 21.56 23.91 -7.74
CA ASN A 47 22.14 24.93 -6.88
C ASN A 47 21.92 26.33 -7.42
N THR A 48 21.99 26.44 -8.74
CA THR A 48 21.74 27.72 -9.42
C THR A 48 20.31 28.18 -9.12
N ILE A 49 19.37 27.25 -9.22
CA ILE A 49 17.95 27.53 -8.97
C ILE A 49 17.62 27.78 -7.50
N ARG A 50 18.40 27.20 -6.60
CA ARG A 50 18.19 27.33 -5.15
C ARG A 50 17.98 28.78 -4.72
N GLU A 51 18.72 29.71 -5.35
CA GLU A 51 18.61 31.13 -5.01
C GLU A 51 17.21 31.69 -5.24
N PRO A 78 13.50 22.82 -16.89
CA PRO A 78 13.53 21.52 -16.19
C PRO A 78 14.92 20.89 -16.20
N ALA A 79 15.36 20.40 -15.05
CA ALA A 79 16.72 19.87 -14.92
C ALA A 79 16.73 18.43 -14.40
N GLU A 80 15.69 18.02 -13.68
CA GLU A 80 15.64 16.63 -13.23
C GLU A 80 15.16 15.75 -14.38
N THR A 81 14.37 16.34 -15.26
CA THR A 81 13.90 15.64 -16.46
C THR A 81 15.10 15.31 -17.33
N TYR A 82 16.12 16.15 -17.24
CA TYR A 82 17.37 15.94 -17.96
C TYR A 82 18.17 14.75 -17.48
N VAL A 83 18.51 14.74 -16.19
CA VAL A 83 19.28 13.65 -15.61
C VAL A 83 18.49 12.36 -15.77
N LEU A 84 17.17 12.46 -15.59
CA LEU A 84 16.31 11.31 -15.78
C LEU A 84 16.35 10.79 -17.22
N ASN A 85 16.20 11.68 -18.19
CA ASN A 85 16.17 11.27 -19.58
C ASN A 85 17.51 10.70 -20.03
N THR A 86 18.59 11.26 -19.51
CA THR A 86 19.92 10.75 -19.80
C THR A 86 20.14 9.42 -19.09
N LEU A 87 19.33 9.17 -18.06
CA LEU A 87 19.35 7.92 -17.32
C LEU A 87 18.49 6.85 -17.99
N GLN A 88 17.53 7.30 -18.79
CA GLN A 88 16.60 6.39 -19.44
C GLN A 88 17.08 6.11 -20.85
N LYS A 89 18.01 6.95 -21.31
CA LYS A 89 18.60 6.81 -22.64
C LYS A 89 19.58 5.65 -22.61
N ILE A 90 20.05 5.32 -21.41
CA ILE A 90 21.00 4.23 -21.20
C ILE A 90 20.36 2.86 -21.49
N LYS A 91 21.20 1.94 -21.96
CA LYS A 91 20.80 0.57 -22.25
C LYS A 91 20.52 -0.21 -20.96
N PRO A 92 19.49 -1.07 -20.97
CA PRO A 92 19.06 -1.82 -19.77
C PRO A 92 20.13 -2.75 -19.21
N ALA A 93 20.98 -3.29 -20.08
CA ALA A 93 22.10 -4.10 -19.61
C ALA A 93 23.23 -3.18 -19.20
N SER A 94 24.20 -3.74 -18.47
CA SER A 94 25.47 -3.08 -18.15
C SER A 94 25.35 -1.85 -17.23
N LEU A 95 24.14 -1.33 -17.02
CA LEU A 95 24.00 -0.18 -16.14
C LEU A 95 24.32 -0.58 -14.69
N HIS A 96 24.18 -1.87 -14.40
CA HIS A 96 24.69 -2.46 -13.15
C HIS A 96 26.17 -2.12 -13.01
N ASP A 97 26.93 -2.42 -14.07
CA ASP A 97 28.35 -2.12 -14.11
C ASP A 97 28.60 -0.62 -14.17
N ALA A 98 27.68 0.12 -14.78
CA ALA A 98 27.79 1.57 -14.87
C ALA A 98 27.79 2.22 -13.50
N LEU A 99 26.90 1.74 -12.63
CA LEU A 99 26.80 2.24 -11.27
C LEU A 99 27.91 1.64 -10.42
N LEU A 100 28.35 0.43 -10.79
CA LEU A 100 29.45 -0.23 -10.11
C LEU A 100 30.70 0.64 -10.19
N VAL A 101 30.99 1.14 -11.40
CA VAL A 101 32.17 1.96 -11.64
C VAL A 101 31.93 3.44 -11.34
N LEU A 102 30.75 3.76 -10.82
CA LEU A 102 30.40 5.15 -10.53
C LEU A 102 31.20 5.68 -9.34
N PRO A 103 31.75 6.89 -9.48
CA PRO A 103 32.52 7.61 -8.45
C PRO A 103 31.72 7.91 -7.19
N PHE A 104 32.41 8.01 -6.05
CA PHE A 104 31.75 8.20 -4.76
C PHE A 104 31.11 9.57 -4.65
N SER A 105 31.74 10.59 -5.22
CA SER A 105 31.22 11.95 -5.12
C SER A 105 29.85 12.10 -5.77
N THR A 106 29.61 11.39 -6.86
CA THR A 106 28.37 11.53 -7.61
C THR A 106 27.16 10.86 -6.93
N ILE A 107 27.40 9.88 -6.07
CA ILE A 107 26.29 9.12 -5.51
C ILE A 107 25.35 9.96 -4.61
N PRO A 108 25.88 10.91 -3.80
CA PRO A 108 24.87 11.68 -3.06
C PRO A 108 23.94 12.46 -3.98
N SER A 109 24.52 13.01 -5.04
CA SER A 109 23.78 13.75 -6.06
C SER A 109 22.76 12.83 -6.73
N LEU A 110 23.22 11.61 -7.05
CA LEU A 110 22.38 10.60 -7.67
C LEU A 110 21.20 10.23 -6.77
N LEU A 111 21.47 10.13 -5.47
CA LEU A 111 20.45 9.81 -4.48
C LEU A 111 19.43 10.93 -4.41
N THR A 112 19.90 12.17 -4.46
CA THR A 112 19.02 13.33 -4.45
C THR A 112 18.07 13.28 -5.64
N PHE A 113 18.62 13.03 -6.82
CA PHE A 113 17.77 12.95 -8.00
C PHE A 113 16.82 11.74 -7.96
N LEU A 114 17.27 10.64 -7.37
CA LEU A 114 16.41 9.45 -7.24
C LEU A 114 15.21 9.72 -6.36
N ASN A 115 15.46 10.30 -5.19
CA ASN A 115 14.37 10.64 -4.28
C ASN A 115 13.44 11.63 -4.97
N LEU A 116 14.00 12.58 -5.72
CA LEU A 116 13.16 13.52 -6.44
C LEU A 116 12.26 12.80 -7.46
N PHE A 117 12.79 11.76 -8.10
CA PHE A 117 11.98 10.95 -9.01
C PHE A 117 10.87 10.22 -8.25
N ALA A 118 11.24 9.63 -7.14
CA ALA A 118 10.32 8.83 -6.33
C ALA A 118 9.15 9.63 -5.81
N GLN A 119 9.42 10.81 -5.29
CA GLN A 119 8.37 11.66 -4.72
C GLN A 119 7.44 12.17 -5.81
N ARG A 120 7.97 12.33 -7.03
CA ARG A 120 7.17 12.83 -8.13
C ARG A 120 6.63 11.72 -9.02
N GLU A 121 6.79 10.48 -8.58
CA GLU A 121 6.28 9.32 -9.30
C GLU A 121 6.74 9.26 -10.76
N LEU A 122 8.03 9.50 -10.99
CA LEU A 122 8.57 9.55 -12.34
C LEU A 122 9.31 8.26 -12.65
N ASN A 123 8.73 7.44 -13.51
CA ASN A 123 9.33 6.17 -13.92
C ASN A 123 9.78 5.36 -12.71
N VAL A 124 8.81 4.90 -11.92
CA VAL A 124 9.07 4.17 -10.68
C VAL A 124 9.90 2.88 -10.82
N PRO A 125 9.67 2.08 -11.87
CA PRO A 125 10.48 0.86 -11.97
C PRO A 125 11.98 1.16 -12.11
N LEU A 126 12.32 2.13 -12.95
CA LEU A 126 13.72 2.48 -13.18
C LEU A 126 14.37 2.94 -11.88
N THR A 127 13.64 3.76 -11.13
CA THR A 127 14.14 4.28 -9.87
C THR A 127 14.40 3.15 -8.87
N CYS A 128 13.48 2.19 -8.82
CA CYS A 128 13.67 1.03 -7.95
C CYS A 128 14.91 0.22 -8.36
N ARG A 129 15.08 0.01 -9.66
CA ARG A 129 16.19 -0.80 -10.17
C ARG A 129 17.52 -0.13 -9.85
N ILE A 130 17.54 1.20 -10.03
CA ILE A 130 18.72 1.99 -9.72
C ILE A 130 19.06 1.89 -8.24
N LEU A 131 18.04 2.02 -7.38
CA LEU A 131 18.27 1.93 -5.94
C LEU A 131 18.85 0.56 -5.56
N PHE A 132 18.23 -0.51 -6.05
CA PHE A 132 18.72 -1.85 -5.75
C PHE A 132 20.15 -2.05 -6.23
N PHE A 133 20.47 -1.51 -7.40
CA PHE A 133 21.83 -1.65 -7.93
C PHE A 133 22.86 -0.84 -7.13
N VAL A 134 22.50 0.38 -6.74
CA VAL A 134 23.35 1.22 -5.92
C VAL A 134 23.64 0.49 -4.62
N LEU A 135 22.62 -0.16 -4.07
CA LEU A 135 22.79 -0.93 -2.83
C LEU A 135 23.61 -2.20 -3.01
N LYS A 136 23.47 -2.86 -4.16
CA LYS A 136 24.14 -4.14 -4.42
C LYS A 136 25.63 -3.92 -4.70
N THR A 137 25.93 -2.79 -5.33
CA THR A 137 27.31 -2.45 -5.66
C THR A 137 27.94 -1.36 -4.79
N HIS A 138 27.19 -0.85 -3.82
CA HIS A 138 27.69 0.22 -2.93
C HIS A 138 28.20 1.44 -3.70
N ARG A 146 27.09 6.80 6.72
CA ARG A 146 26.10 6.75 7.79
C ARG A 146 24.90 7.62 7.45
N THR A 147 25.19 8.83 6.99
CA THR A 147 24.16 9.77 6.56
C THR A 147 23.55 9.31 5.24
N MET A 148 24.37 8.67 4.40
CA MET A 148 23.87 8.14 3.15
C MET A 148 22.87 7.03 3.43
N ARG A 149 23.01 6.39 4.59
CA ARG A 149 22.04 5.40 5.01
C ARG A 149 20.68 6.07 5.19
N ALA A 150 20.71 7.26 5.78
CA ALA A 150 19.51 8.05 6.01
C ALA A 150 18.88 8.50 4.69
N THR A 151 19.72 8.96 3.77
CA THR A 151 19.25 9.38 2.45
C THR A 151 18.59 8.22 1.72
N LEU A 152 19.22 7.05 1.79
CA LEU A 152 18.69 5.83 1.21
C LEU A 152 17.34 5.47 1.84
N GLU A 153 17.24 5.65 3.16
CA GLU A 153 15.98 5.40 3.85
C GLU A 153 14.90 6.32 3.30
N LYS A 154 15.24 7.58 3.07
CA LYS A 154 14.29 8.54 2.52
C LYS A 154 13.81 8.18 1.10
N VAL A 155 14.76 7.92 0.21
CA VAL A 155 14.41 7.59 -1.17
C VAL A 155 13.60 6.30 -1.24
N ARG A 156 14.02 5.29 -0.49
CA ARG A 156 13.30 4.02 -0.47
C ARG A 156 11.89 4.18 0.12
N ALA A 157 11.77 5.05 1.10
CA ALA A 157 10.46 5.35 1.69
C ALA A 157 9.52 5.95 0.64
N ASN A 158 9.98 7.01 -0.02
CA ASN A 158 9.17 7.64 -1.08
C ASN A 158 8.84 6.66 -2.21
N LEU A 159 9.79 5.78 -2.52
CA LEU A 159 9.58 4.75 -3.51
C LEU A 159 8.44 3.82 -3.14
N ARG A 160 8.50 3.25 -1.93
CA ARG A 160 7.45 2.37 -1.46
C ARG A 160 6.10 3.07 -1.45
N ALA A 161 6.11 4.35 -1.05
CA ALA A 161 4.89 5.14 -1.06
C ALA A 161 4.31 5.21 -2.46
N ALA A 162 5.17 5.47 -3.44
CA ALA A 162 4.76 5.50 -4.84
C ALA A 162 4.20 4.17 -5.33
N LEU A 163 4.86 3.08 -4.95
CA LEU A 163 4.40 1.73 -5.27
C LEU A 163 3.04 1.39 -4.69
N ARG A 164 2.86 1.64 -3.40
CA ARG A 164 1.58 1.41 -2.72
C ARG A 164 0.50 2.25 -3.39
N ARG A 165 0.88 3.45 -3.80
CA ARG A 165 -0.02 4.35 -4.53
C ARG A 165 -0.52 3.72 -5.82
N GLN A 166 0.40 3.38 -6.72
CA GLN A 166 0.02 2.85 -8.02
C GLN A 166 -0.64 1.47 -7.95
N LYS A 167 -0.20 0.64 -7.00
CA LYS A 167 -0.79 -0.68 -6.84
C LYS A 167 -2.22 -0.61 -6.33
N ASP A 168 -2.45 0.19 -5.28
CA ASP A 168 -3.82 0.31 -4.76
C ASP A 168 -4.72 0.92 -5.83
N GLU A 169 -4.19 1.93 -6.53
CA GLU A 169 -4.92 2.59 -7.59
C GLU A 169 -5.33 1.62 -8.72
N MET A 170 -4.37 0.82 -9.17
CA MET A 170 -4.65 -0.16 -10.21
C MET A 170 -5.57 -1.28 -9.73
N GLY A 171 -5.51 -1.61 -8.45
CA GLY A 171 -6.44 -2.56 -7.87
C GLY A 171 -7.86 -2.06 -8.00
N PHE A 172 -8.02 -0.77 -7.66
CA PHE A 172 -9.30 -0.09 -7.81
C PHE A 172 -9.79 -0.20 -9.24
N ASN A 173 -8.92 0.15 -10.18
CA ASN A 173 -9.27 0.11 -11.59
C ASN A 173 -9.66 -1.28 -12.12
N ILE A 174 -8.92 -2.30 -11.71
CA ILE A 174 -9.22 -3.67 -12.12
C ILE A 174 -10.60 -4.10 -11.60
N ALA A 175 -10.83 -3.86 -10.32
CA ALA A 175 -12.13 -4.19 -9.73
C ALA A 175 -13.28 -3.52 -10.48
N ALA A 176 -13.11 -2.23 -10.76
CA ALA A 176 -14.13 -1.49 -11.50
C ALA A 176 -14.40 -2.09 -12.88
N LEU A 177 -13.34 -2.35 -13.64
CA LEU A 177 -13.45 -2.93 -14.97
C LEU A 177 -14.22 -4.24 -14.92
N LYS A 178 -13.93 -5.03 -13.89
CA LYS A 178 -14.61 -6.30 -13.68
C LYS A 178 -16.10 -6.10 -13.44
N VAL A 179 -16.45 -5.19 -12.53
CA VAL A 179 -17.86 -4.95 -12.23
C VAL A 179 -18.67 -4.42 -13.42
N VAL A 180 -18.19 -3.37 -14.08
CA VAL A 180 -18.94 -2.83 -15.21
C VAL A 180 -19.03 -3.81 -16.37
N SER A 181 -17.98 -4.63 -16.57
CA SER A 181 -18.08 -5.68 -17.57
C SER A 181 -19.13 -6.72 -17.16
N MET A 182 -19.17 -7.05 -15.86
CA MET A 182 -20.15 -8.02 -15.38
C MET A 182 -21.57 -7.49 -15.54
N GLN A 183 -21.76 -6.21 -15.26
CA GLN A 183 -23.09 -5.59 -15.39
C GLN A 183 -23.40 -5.22 -16.84
N LEU A 184 -22.59 -5.73 -17.76
CA LEU A 184 -22.83 -5.50 -19.17
C LEU A 184 -23.47 -6.73 -19.82
N ARG A 185 -24.81 -6.74 -19.84
CA ARG A 185 -25.56 -7.81 -20.45
C ARG A 185 -25.76 -7.58 -21.94
N GLU B 5 -8.71 27.49 -36.03
CA GLU B 5 -8.19 26.15 -36.29
C GLU B 5 -7.54 25.56 -35.03
N GLN B 6 -6.38 24.97 -35.19
CA GLN B 6 -5.70 24.25 -34.12
C GLN B 6 -4.99 25.19 -33.15
N THR B 7 -4.65 26.38 -33.63
CA THR B 7 -3.89 27.35 -32.84
C THR B 7 -4.75 27.99 -31.75
N LEU B 8 -6.05 28.13 -32.02
CA LEU B 8 -6.99 28.55 -30.99
C LEU B 8 -6.92 27.58 -29.82
N GLU B 9 -6.94 26.29 -30.17
CA GLU B 9 -6.78 25.21 -29.20
C GLU B 9 -5.47 25.39 -28.47
N ASN B 10 -4.44 25.77 -29.22
CA ASN B 10 -3.15 26.04 -28.64
C ASN B 10 -3.14 27.19 -27.62
N TYR B 11 -3.95 28.22 -27.85
CA TYR B 11 -4.00 29.34 -26.90
C TYR B 11 -4.83 28.99 -25.68
N ILE B 12 -5.89 28.23 -25.89
CA ILE B 12 -6.65 27.67 -24.78
C ILE B 12 -5.69 26.80 -23.97
N HIS B 13 -4.71 26.23 -24.66
CA HIS B 13 -3.66 25.46 -24.00
C HIS B 13 -2.71 26.37 -23.24
N ALA B 14 -2.49 27.57 -23.77
CA ALA B 14 -1.70 28.58 -23.07
C ALA B 14 -2.48 29.15 -21.89
N GLY B 15 -3.67 28.61 -21.66
CA GLY B 15 -4.52 29.05 -20.56
C GLY B 15 -5.32 27.93 -19.94
N ALA B 16 -6.54 27.73 -20.45
CA ALA B 16 -7.55 26.94 -19.78
C ALA B 16 -7.58 25.47 -20.18
N TYR B 17 -7.67 24.59 -19.17
CA TYR B 17 -7.54 23.16 -19.39
C TYR B 17 -8.81 22.46 -19.84
N ARG B 18 -9.97 22.93 -19.39
CA ARG B 18 -11.24 22.29 -19.74
C ARG B 18 -11.42 22.22 -21.25
N ASP B 19 -11.40 23.38 -21.89
CA ASP B 19 -11.57 23.46 -23.33
C ASP B 19 -10.34 22.90 -24.04
N ALA B 20 -9.19 22.94 -23.39
CA ALA B 20 -8.00 22.31 -23.95
C ALA B 20 -8.26 20.83 -24.18
N ILE B 21 -8.86 20.19 -23.18
CA ILE B 21 -9.14 18.76 -23.22
C ILE B 21 -10.33 18.44 -24.12
N VAL B 22 -11.39 19.25 -24.05
CA VAL B 22 -12.55 19.04 -24.90
C VAL B 22 -12.16 19.11 -26.37
N LEU B 23 -11.44 20.18 -26.72
CA LEU B 23 -10.97 20.38 -28.08
C LEU B 23 -9.99 19.28 -28.49
N ALA B 24 -9.10 18.90 -27.59
CA ALA B 24 -8.13 17.83 -27.89
C ALA B 24 -8.83 16.51 -28.16
N LEU B 25 -9.93 16.27 -27.46
CA LEU B 25 -10.75 15.07 -27.67
C LEU B 25 -11.41 15.13 -29.03
N GLN B 26 -11.98 16.29 -29.35
CA GLN B 26 -12.66 16.51 -30.62
C GLN B 26 -11.74 16.27 -31.82
N LEU B 27 -10.49 16.71 -31.73
CA LEU B 27 -9.60 16.67 -32.88
C LEU B 27 -8.27 15.96 -32.62
N ASN B 28 -7.91 15.07 -33.55
CA ASN B 28 -6.60 14.43 -33.56
C ASN B 28 -5.49 15.46 -33.74
N HIS B 29 -4.27 15.18 -33.30
CA HIS B 29 -3.89 13.92 -32.67
C HIS B 29 -4.02 13.99 -31.15
N PRO B 30 -4.10 12.82 -30.48
CA PRO B 30 -4.21 12.78 -29.02
C PRO B 30 -2.88 12.97 -28.28
N GLY B 31 -1.79 13.15 -29.02
CA GLY B 31 -0.48 13.33 -28.42
C GLY B 31 -0.41 14.53 -27.49
N ARG B 32 -1.03 15.63 -27.90
CA ARG B 32 -1.05 16.85 -27.10
C ARG B 32 -1.96 16.68 -25.87
N LEU B 33 -2.97 15.83 -26.02
CA LEU B 33 -3.85 15.49 -24.92
C LEU B 33 -3.07 14.69 -23.88
N LEU B 34 -2.31 13.71 -24.37
CA LEU B 34 -1.43 12.93 -23.53
C LEU B 34 -0.42 13.84 -22.81
N ASN B 35 0.07 14.84 -23.53
CA ASN B 35 0.98 15.82 -22.94
C ASN B 35 0.30 16.58 -21.81
N LEU B 36 -0.93 17.04 -22.05
CA LEU B 36 -1.74 17.72 -21.04
C LEU B 36 -1.86 16.89 -19.77
N PHE B 37 -2.44 15.70 -19.91
CA PHE B 37 -2.64 14.81 -18.76
C PHE B 37 -1.35 14.50 -18.04
N THR B 38 -0.27 14.33 -18.82
CA THR B 38 1.04 14.04 -18.26
C THR B 38 1.52 15.19 -17.38
N ASN B 39 1.41 16.42 -17.87
CA ASN B 39 1.81 17.59 -17.10
C ASN B 39 0.95 17.79 -15.86
N VAL B 40 -0.29 17.33 -15.95
CA VAL B 40 -1.20 17.41 -14.81
C VAL B 40 -0.82 16.42 -13.72
N VAL B 41 -0.60 15.17 -14.10
CA VAL B 41 -0.35 14.09 -13.16
C VAL B 41 1.06 14.13 -12.55
N THR B 42 2.05 14.47 -13.37
CA THR B 42 3.45 14.41 -12.94
C THR B 42 4.00 15.73 -12.40
N THR B 43 3.09 16.64 -12.05
CA THR B 43 3.47 17.99 -11.61
C THR B 43 4.30 17.99 -10.34
N ARG B 44 5.22 18.94 -10.25
CA ARG B 44 6.08 19.09 -9.08
C ARG B 44 5.28 19.49 -7.84
N ASN B 45 4.22 20.28 -8.03
CA ASN B 45 3.40 20.74 -6.92
C ASN B 45 1.90 20.69 -7.24
N PRO B 46 1.25 19.58 -6.90
CA PRO B 46 -0.16 19.37 -7.23
C PRO B 46 -1.15 19.84 -6.16
N ASP B 47 -2.41 19.49 -6.37
CA ASP B 47 -3.50 19.84 -5.46
C ASP B 47 -4.07 18.59 -4.79
N PRO B 48 -3.85 18.46 -3.48
CA PRO B 48 -4.21 17.28 -2.67
C PRO B 48 -5.70 16.98 -2.65
N ASP B 49 -6.53 18.00 -2.87
CA ASP B 49 -7.97 17.81 -2.91
C ASP B 49 -8.37 17.17 -4.24
N SER B 50 -7.59 17.45 -5.28
CA SER B 50 -7.93 17.04 -6.63
C SER B 50 -7.61 15.57 -6.89
N LEU B 51 -8.24 15.01 -7.92
CA LEU B 51 -8.03 13.63 -8.31
C LEU B 51 -6.80 13.49 -9.19
N THR B 52 -6.82 14.18 -10.33
CA THR B 52 -5.70 14.16 -11.26
C THR B 52 -4.53 14.97 -10.70
N GLY B 53 -4.85 16.00 -9.94
CA GLY B 53 -3.85 16.90 -9.37
C GLY B 53 -4.22 18.35 -9.64
N LEU B 54 -5.23 18.54 -10.48
CA LEU B 54 -5.73 19.86 -10.84
C LEU B 54 -7.25 19.82 -11.03
N LYS B 55 -7.96 20.63 -10.26
CA LYS B 55 -9.43 20.58 -10.17
C LYS B 55 -10.15 20.60 -11.51
N ALA B 56 -9.69 21.45 -12.41
CA ALA B 56 -10.36 21.64 -13.69
C ALA B 56 -10.35 20.36 -14.53
N VAL B 57 -9.30 19.57 -14.41
CA VAL B 57 -9.22 18.30 -15.12
C VAL B 57 -10.31 17.37 -14.62
N ASP B 58 -10.41 17.21 -13.30
CA ASP B 58 -11.47 16.40 -12.71
C ASP B 58 -12.82 16.91 -13.18
N ASP B 59 -12.94 18.23 -13.26
CA ASP B 59 -14.20 18.85 -13.65
C ASP B 59 -14.60 18.46 -15.07
N VAL B 60 -13.73 18.76 -16.04
CA VAL B 60 -14.04 18.43 -17.43
C VAL B 60 -14.28 16.92 -17.57
N LEU B 61 -13.60 16.13 -16.74
CA LEU B 61 -13.80 14.69 -16.73
C LEU B 61 -15.20 14.29 -16.27
N ALA B 62 -15.69 14.94 -15.21
CA ALA B 62 -17.03 14.62 -14.70
C ALA B 62 -18.11 15.25 -15.56
N LYS B 63 -17.78 16.40 -16.16
CA LYS B 63 -18.72 17.10 -17.03
C LYS B 63 -18.80 16.41 -18.38
N LEU B 64 -17.84 15.53 -18.65
CA LEU B 64 -17.77 14.76 -19.89
C LEU B 64 -19.06 13.98 -20.15
N SER B 65 -19.56 14.06 -21.38
CA SER B 65 -20.76 13.32 -21.77
C SER B 65 -20.35 11.96 -22.34
N ASP B 66 -21.30 11.25 -22.92
CA ASP B 66 -21.10 9.86 -23.33
C ASP B 66 -19.99 9.68 -24.37
N GLU B 67 -20.06 10.45 -25.45
CA GLU B 67 -19.12 10.28 -26.57
C GLU B 67 -17.68 10.55 -26.17
N GLN B 68 -17.45 11.64 -25.43
CA GLN B 68 -16.11 11.96 -24.97
C GLN B 68 -15.60 10.88 -24.03
N ILE B 69 -16.48 10.38 -23.16
CA ILE B 69 -16.13 9.30 -22.25
C ILE B 69 -15.64 8.08 -23.02
N PHE B 70 -16.38 7.70 -24.06
CA PHE B 70 -16.00 6.54 -24.87
C PHE B 70 -14.68 6.76 -25.61
N GLN B 71 -14.55 7.91 -26.27
CA GLN B 71 -13.33 8.22 -27.04
C GLN B 71 -12.09 8.24 -26.16
N LEU B 72 -12.15 9.05 -25.10
CA LEU B 72 -11.10 9.12 -24.11
C LEU B 72 -10.81 7.75 -23.50
N LEU B 73 -11.84 6.90 -23.39
CA LEU B 73 -11.65 5.52 -22.95
C LEU B 73 -10.71 4.79 -23.92
N LEU B 74 -11.05 4.86 -25.20
CA LEU B 74 -10.22 4.25 -26.24
C LEU B 74 -8.76 4.71 -26.14
N ARG B 75 -8.57 6.02 -26.07
CA ARG B 75 -7.23 6.58 -25.94
C ARG B 75 -6.54 6.13 -24.67
N LEU B 76 -7.34 5.86 -23.64
CA LEU B 76 -6.79 5.36 -22.37
C LEU B 76 -6.23 3.97 -22.54
N ARG B 77 -6.96 3.11 -23.25
CA ARG B 77 -6.47 1.79 -23.59
C ARG B 77 -5.15 1.90 -24.35
N ASP B 78 -5.19 2.70 -25.41
CA ASP B 78 -4.02 2.93 -26.27
C ASP B 78 -2.80 3.33 -25.46
N TRP B 79 -2.95 4.37 -24.64
CA TRP B 79 -1.86 4.83 -23.78
C TRP B 79 -1.46 3.77 -22.76
N ASN B 80 -2.40 2.89 -22.42
CA ASN B 80 -2.14 1.88 -21.40
C ASN B 80 -1.22 0.80 -21.93
N THR B 81 -1.34 0.45 -23.21
CA THR B 81 -0.48 -0.60 -23.78
C THR B 81 1.01 -0.33 -23.58
N ASN B 82 1.42 0.93 -23.73
CA ASN B 82 2.82 1.32 -23.63
C ASN B 82 3.23 1.57 -22.17
N ALA B 83 4.27 0.85 -21.73
CA ALA B 83 4.66 0.85 -20.33
C ALA B 83 5.21 2.19 -19.85
N ARG B 84 5.62 3.04 -20.78
CA ARG B 84 6.13 4.36 -20.39
C ARG B 84 4.97 5.34 -20.19
N THR B 85 3.87 5.10 -20.87
CA THR B 85 2.72 5.99 -20.80
C THR B 85 1.63 5.43 -19.90
N ALA B 86 1.82 4.20 -19.42
CA ALA B 86 0.82 3.52 -18.59
C ALA B 86 0.42 4.26 -17.30
N PRO B 87 1.39 4.73 -16.49
CA PRO B 87 1.02 5.39 -15.23
C PRO B 87 -0.01 6.52 -15.38
N VAL B 88 0.28 7.44 -16.29
CA VAL B 88 -0.59 8.59 -16.55
C VAL B 88 -2.00 8.14 -16.89
N ALA B 89 -2.09 7.22 -17.84
CA ALA B 89 -3.37 6.67 -18.28
C ALA B 89 -4.11 6.03 -17.12
N GLN B 90 -3.36 5.40 -16.21
CA GLN B 90 -3.97 4.76 -15.05
C GLN B 90 -4.57 5.81 -14.11
N ARG B 91 -3.85 6.91 -13.86
CA ARG B 91 -4.40 7.94 -13.00
C ARG B 91 -5.65 8.58 -13.62
N VAL B 92 -5.57 8.90 -14.91
CA VAL B 92 -6.72 9.47 -15.60
C VAL B 92 -7.92 8.54 -15.51
N LEU B 93 -7.68 7.25 -15.76
CA LEU B 93 -8.73 6.23 -15.68
C LEU B 93 -9.40 6.19 -14.30
N TRP B 94 -8.58 6.07 -13.27
CA TRP B 94 -9.05 6.06 -11.88
C TRP B 94 -9.90 7.30 -11.55
N ALA B 95 -9.42 8.47 -11.98
CA ALA B 95 -10.17 9.70 -11.77
C ALA B 95 -11.55 9.65 -12.44
N LEU B 96 -11.55 9.24 -13.72
CA LEU B 96 -12.78 9.14 -14.49
C LEU B 96 -13.79 8.22 -13.81
N PHE B 97 -13.29 7.12 -13.26
CA PHE B 97 -14.17 6.18 -12.55
C PHE B 97 -14.73 6.78 -11.27
N LYS B 98 -13.89 7.50 -10.53
CA LYS B 98 -14.35 8.15 -9.31
C LYS B 98 -15.36 9.26 -9.58
N SER B 99 -15.38 9.79 -10.81
CA SER B 99 -16.29 10.88 -11.12
C SER B 99 -17.59 10.44 -11.82
N HIS B 100 -17.60 9.23 -12.37
CA HIS B 100 -18.80 8.73 -13.06
C HIS B 100 -19.26 7.39 -12.46
N PRO B 101 -20.57 7.25 -12.20
CA PRO B 101 -21.15 6.02 -11.64
C PRO B 101 -21.17 4.87 -12.64
N ALA B 102 -21.47 3.66 -12.19
CA ALA B 102 -21.54 2.50 -13.08
C ALA B 102 -22.68 2.60 -14.09
N ASN B 103 -22.76 3.74 -14.76
CA ASN B 103 -23.76 4.06 -15.81
C ASN B 103 -24.91 3.09 -15.98
N LEU B 119 -18.11 -2.47 -27.03
CA LEU B 119 -17.71 -1.74 -25.83
C LEU B 119 -17.05 -2.66 -24.80
N ASN B 120 -17.61 -3.86 -24.64
CA ASN B 120 -17.03 -4.88 -23.77
C ASN B 120 -15.59 -5.16 -24.20
N GLU B 121 -15.32 -4.89 -25.47
CA GLU B 121 -13.99 -5.05 -26.07
C GLU B 121 -12.94 -4.18 -25.39
N VAL B 122 -13.13 -2.88 -25.43
CA VAL B 122 -12.16 -1.94 -24.85
C VAL B 122 -12.00 -2.16 -23.34
N LEU B 123 -13.10 -2.50 -22.67
CA LEU B 123 -13.06 -2.74 -21.24
C LEU B 123 -12.22 -3.98 -20.94
N ASP B 124 -12.46 -5.05 -21.69
CA ASP B 124 -11.70 -6.29 -21.53
C ASP B 124 -10.22 -6.08 -21.82
N ALA B 125 -9.92 -5.32 -22.88
CA ALA B 125 -8.54 -5.01 -23.24
C ALA B 125 -7.82 -4.26 -22.12
N ILE B 126 -8.46 -3.20 -21.65
CA ILE B 126 -7.89 -2.38 -20.58
C ILE B 126 -7.66 -3.20 -19.33
N LYS B 127 -8.65 -4.02 -18.97
CA LYS B 127 -8.51 -4.95 -17.85
C LYS B 127 -7.29 -5.84 -18.03
N VAL B 128 -7.15 -6.37 -19.25
CA VAL B 128 -6.11 -7.34 -19.56
C VAL B 128 -4.71 -6.75 -19.41
N TYR B 129 -4.47 -5.57 -19.98
CA TYR B 129 -3.16 -4.96 -19.84
C TYR B 129 -2.92 -4.47 -18.39
N THR B 130 -3.97 -3.94 -17.78
CA THR B 130 -3.88 -3.44 -16.42
C THR B 130 -3.46 -4.53 -15.43
N GLU B 131 -4.00 -5.74 -15.60
CA GLU B 131 -3.67 -6.84 -14.69
C GLU B 131 -2.17 -7.17 -14.75
N ARG B 132 -1.62 -7.22 -15.96
CA ARG B 132 -0.18 -7.40 -16.14
C ARG B 132 0.61 -6.33 -15.40
N HIS B 133 0.19 -5.08 -15.58
CA HIS B 133 0.83 -3.97 -14.87
C HIS B 133 0.83 -4.16 -13.36
N TYR B 134 -0.33 -4.49 -12.81
CA TYR B 134 -0.46 -4.80 -11.39
C TYR B 134 0.55 -5.86 -10.98
N LYS B 135 0.69 -6.90 -11.80
CA LYS B 135 1.65 -7.97 -11.53
C LYS B 135 3.07 -7.45 -11.41
N ARG B 136 3.49 -6.67 -12.41
CA ARG B 136 4.85 -6.12 -12.39
C ARG B 136 5.09 -5.27 -11.16
N ILE B 137 4.07 -4.51 -10.76
CA ILE B 137 4.18 -3.71 -9.54
C ILE B 137 4.36 -4.59 -8.30
N GLU B 138 3.60 -5.69 -8.22
CA GLU B 138 3.79 -6.64 -7.12
C GLU B 138 5.22 -7.17 -7.05
N GLU B 139 5.76 -7.51 -8.22
CA GLU B 139 7.15 -7.94 -8.30
C GLU B 139 8.09 -6.88 -7.73
N LEU B 140 7.88 -5.63 -8.14
CA LEU B 140 8.67 -4.52 -7.61
C LEU B 140 8.59 -4.47 -6.08
N VAL B 141 7.41 -4.76 -5.55
CA VAL B 141 7.19 -4.75 -4.10
C VAL B 141 8.00 -5.83 -3.40
N ASP B 142 8.06 -7.02 -4.00
CA ASP B 142 8.90 -8.09 -3.44
C ASP B 142 10.38 -7.68 -3.43
N GLU B 143 10.88 -7.27 -4.59
CA GLU B 143 12.26 -6.80 -4.70
C GLU B 143 12.54 -5.74 -3.62
N SER B 144 11.56 -4.88 -3.38
CA SER B 144 11.69 -3.81 -2.40
C SER B 144 11.69 -4.34 -0.97
N TYR B 145 11.02 -5.47 -0.74
CA TYR B 145 11.11 -6.13 0.56
C TYR B 145 12.55 -6.54 0.80
N LEU B 146 13.18 -7.08 -0.25
CA LEU B 146 14.61 -7.44 -0.15
C LEU B 146 15.48 -6.20 0.15
N VAL B 147 15.26 -5.16 -0.64
CA VAL B 147 15.91 -3.86 -0.45
C VAL B 147 15.77 -3.39 0.99
N GLU B 148 14.62 -3.69 1.60
CA GLU B 148 14.38 -3.25 2.96
C GLU B 148 15.15 -4.06 3.98
N TYR B 149 15.11 -5.39 3.88
CA TYR B 149 15.83 -6.19 4.86
C TYR B 149 17.34 -5.99 4.79
N THR B 150 17.87 -5.72 3.59
CA THR B 150 19.31 -5.46 3.48
C THR B 150 19.73 -4.22 4.25
N LEU B 151 18.78 -3.30 4.41
CA LEU B 151 19.07 -2.02 5.03
C LEU B 151 18.67 -2.03 6.50
N VAL C 26 -31.82 -22.05 10.23
CA VAL C 26 -32.84 -21.82 11.24
C VAL C 26 -32.21 -21.53 12.60
N GLU C 27 -31.08 -22.17 12.87
CA GLU C 27 -30.31 -21.95 14.09
C GLU C 27 -29.53 -20.63 14.00
N THR C 28 -29.39 -20.14 12.78
CA THR C 28 -28.74 -18.87 12.51
C THR C 28 -29.55 -17.72 13.09
N LEU C 29 -30.84 -17.97 13.36
CA LEU C 29 -31.66 -16.98 14.05
C LEU C 29 -31.23 -16.84 15.50
N MET C 30 -30.97 -17.99 16.15
CA MET C 30 -30.46 -17.98 17.52
C MET C 30 -29.08 -17.38 17.57
N ALA C 31 -28.27 -17.68 16.56
CA ALA C 31 -26.95 -17.07 16.46
C ALA C 31 -27.05 -15.55 16.26
N GLY C 32 -28.07 -15.12 15.52
CA GLY C 32 -28.31 -13.71 15.27
C GLY C 32 -28.71 -12.98 16.54
N GLU C 33 -29.55 -13.61 17.35
CA GLU C 33 -29.93 -12.99 18.61
C GLU C 33 -28.76 -13.01 19.57
N ARG C 34 -27.88 -14.00 19.39
CA ARG C 34 -26.68 -14.14 20.20
C ARG C 34 -25.72 -12.98 19.97
N ILE C 35 -25.51 -12.66 18.69
CA ILE C 35 -24.62 -11.56 18.35
C ILE C 35 -25.29 -10.20 18.58
N ALA C 36 -26.62 -10.16 18.51
CA ALA C 36 -27.33 -8.92 18.78
C ALA C 36 -27.22 -8.56 20.27
N GLU C 37 -27.39 -9.57 21.11
CA GLU C 37 -27.22 -9.41 22.55
C GLU C 37 -25.78 -9.07 22.89
N ALA C 38 -24.83 -9.70 22.20
CA ALA C 38 -23.42 -9.42 22.42
C ALA C 38 -23.13 -7.97 22.07
N LEU C 39 -23.81 -7.47 21.04
CA LEU C 39 -23.68 -6.08 20.63
C LEU C 39 -24.23 -5.13 21.68
N GLU C 40 -25.40 -5.44 22.24
CA GLU C 40 -25.97 -4.60 23.28
C GLU C 40 -25.08 -4.54 24.53
N LEU C 41 -24.64 -5.71 24.96
CA LEU C 41 -23.79 -5.83 26.12
C LEU C 41 -22.48 -5.07 25.90
N GLY C 42 -21.85 -5.33 24.77
CA GLY C 42 -20.57 -4.72 24.44
C GLY C 42 -20.62 -3.22 24.31
N MET C 43 -21.66 -2.73 23.64
CA MET C 43 -21.83 -1.29 23.41
C MET C 43 -22.12 -0.60 24.73
N THR C 44 -22.96 -1.22 25.56
CA THR C 44 -23.23 -0.69 26.89
C THR C 44 -21.98 -0.60 27.77
N ASP C 45 -21.16 -1.66 27.74
CA ASP C 45 -19.90 -1.67 28.49
C ASP C 45 -18.93 -0.61 27.99
N LEU C 46 -18.84 -0.48 26.67
CA LEU C 46 -17.98 0.52 26.04
C LEU C 46 -18.39 1.93 26.42
N ASN C 47 -19.69 2.18 26.40
CA ASN C 47 -20.23 3.46 26.84
C ASN C 47 -19.94 3.71 28.32
N THR C 48 -20.02 2.65 29.11
CA THR C 48 -19.75 2.74 30.53
C THR C 48 -18.31 3.21 30.78
N ILE C 49 -17.36 2.60 30.08
CA ILE C 49 -15.96 3.00 30.25
C ILE C 49 -15.66 4.35 29.64
N ARG C 50 -16.30 4.66 28.50
CA ARG C 50 -16.15 5.96 27.88
C ARG C 50 -16.56 7.08 28.82
N GLU C 51 -17.73 6.89 29.44
CA GLU C 51 -18.28 7.83 30.40
C GLU C 51 -17.41 7.92 31.64
N TRP C 52 -16.91 6.76 32.07
CA TRP C 52 -16.04 6.69 33.24
C TRP C 52 -14.79 7.53 33.03
N GLU C 53 -14.13 7.35 31.89
CA GLU C 53 -12.91 8.10 31.57
C GLU C 53 -13.19 9.59 31.36
N GLU C 54 -14.28 9.92 30.68
CA GLU C 54 -14.71 11.30 30.51
C GLU C 54 -14.90 12.00 31.85
N ALA C 55 -15.54 11.30 32.79
CA ALA C 55 -15.84 11.85 34.10
C ALA C 55 -14.68 11.65 35.07
N ARG C 56 -13.72 10.83 34.67
CA ARG C 56 -12.48 10.64 35.40
C ARG C 56 -11.64 11.91 35.32
N GLN C 57 -11.96 12.76 34.36
CA GLN C 57 -11.21 13.98 34.12
C GLN C 57 -11.57 15.09 35.12
N ILE C 58 -12.76 15.00 35.69
CA ILE C 58 -13.23 16.00 36.65
C ILE C 58 -12.68 15.69 38.04
N ASN C 59 -12.69 14.41 38.39
CA ASN C 59 -12.10 13.94 39.65
C ASN C 59 -11.42 12.61 39.41
N PRO C 60 -10.10 12.53 39.67
CA PRO C 60 -9.39 11.26 39.49
C PRO C 60 -9.90 10.18 40.45
N ASN C 61 -10.25 10.59 41.66
CA ASN C 61 -10.66 9.65 42.71
C ASN C 61 -12.14 9.22 42.57
N ILE C 62 -12.36 8.15 41.82
CA ILE C 62 -13.69 7.58 41.59
C ILE C 62 -13.62 6.06 41.78
N ALA C 63 -14.75 5.45 42.14
CA ALA C 63 -14.85 3.99 42.07
C ALA C 63 -14.81 3.55 40.61
N PRO C 64 -14.26 2.35 40.36
CA PRO C 64 -14.22 1.80 38.99
C PRO C 64 -15.62 1.46 38.47
N PRO C 65 -15.76 1.30 37.13
CA PRO C 65 -17.06 1.03 36.52
C PRO C 65 -17.66 -0.32 36.89
N GLN C 66 -18.94 -0.51 36.57
CA GLN C 66 -19.64 -1.75 36.82
C GLN C 66 -19.84 -2.54 35.53
N ARG C 67 -19.01 -3.55 35.31
CA ARG C 67 -19.20 -4.39 34.14
C ARG C 67 -19.87 -5.70 34.51
N ASN C 68 -20.65 -6.26 33.58
CA ASN C 68 -21.47 -7.42 33.88
C ASN C 68 -20.65 -8.73 34.07
N PRO C 69 -20.00 -9.27 33.01
CA PRO C 69 -19.27 -10.50 33.35
C PRO C 69 -17.76 -10.32 33.48
N ILE C 70 -17.14 -11.09 34.37
CA ILE C 70 -15.69 -11.03 34.58
C ILE C 70 -15.07 -12.40 34.85
N PRO C 78 -12.24 -8.71 28.22
CA PRO C 78 -12.80 -7.36 28.10
C PRO C 78 -12.04 -6.49 27.11
N ALA C 79 -12.75 -5.79 26.22
CA ALA C 79 -14.20 -5.81 26.17
C ALA C 79 -14.67 -6.24 24.79
N GLU C 80 -13.80 -6.07 23.81
CA GLU C 80 -14.07 -6.49 22.43
C GLU C 80 -13.83 -7.99 22.22
N THR C 81 -12.97 -8.58 23.05
CA THR C 81 -12.64 -10.00 22.96
C THR C 81 -13.87 -10.88 23.14
N TYR C 82 -14.85 -10.37 23.88
CA TYR C 82 -16.11 -11.08 24.09
C TYR C 82 -16.86 -11.14 22.77
N VAL C 83 -17.09 -9.97 22.18
CA VAL C 83 -17.80 -9.85 20.92
C VAL C 83 -17.10 -10.68 19.85
N LEU C 84 -15.77 -10.63 19.86
CA LEU C 84 -14.97 -11.41 18.92
C LEU C 84 -15.21 -12.90 19.12
N ASN C 85 -15.12 -13.38 20.34
CA ASN C 85 -15.26 -14.82 20.60
C ASN C 85 -16.67 -15.33 20.30
N THR C 86 -17.69 -14.52 20.60
CA THR C 86 -19.06 -14.92 20.25
C THR C 86 -19.28 -14.79 18.74
N LEU C 87 -18.41 -14.04 18.05
CA LEU C 87 -18.43 -13.96 16.59
C LEU C 87 -17.66 -15.12 15.95
N GLN C 88 -16.76 -15.73 16.70
CA GLN C 88 -15.92 -16.80 16.16
C GLN C 88 -16.53 -18.18 16.42
N LYS C 89 -17.50 -18.21 17.32
CA LYS C 89 -18.17 -19.47 17.66
C LYS C 89 -19.15 -19.96 16.58
N ILE C 90 -19.73 -19.05 15.80
CA ILE C 90 -20.66 -19.45 14.75
C ILE C 90 -19.95 -20.13 13.59
N LYS C 91 -20.53 -21.21 13.07
CA LYS C 91 -20.01 -21.84 11.86
C LYS C 91 -20.51 -21.11 10.61
N PRO C 92 -19.64 -20.95 9.60
CA PRO C 92 -19.96 -20.22 8.38
C PRO C 92 -21.13 -20.83 7.60
N PRO C 103 -30.80 -7.84 11.40
CA PRO C 103 -31.66 -6.64 11.48
C PRO C 103 -30.88 -5.34 11.29
N PHE C 104 -31.56 -4.32 10.76
CA PHE C 104 -30.91 -3.07 10.42
C PHE C 104 -30.47 -2.21 11.62
N SER C 105 -31.29 -2.20 12.67
CA SER C 105 -31.03 -1.35 13.84
C SER C 105 -29.72 -1.65 14.55
N THR C 106 -29.33 -2.92 14.56
CA THR C 106 -28.16 -3.40 15.30
C THR C 106 -26.81 -3.02 14.68
N ILE C 107 -26.82 -2.65 13.41
CA ILE C 107 -25.59 -2.48 12.61
C ILE C 107 -24.54 -1.44 13.05
N PRO C 108 -24.95 -0.24 13.50
CA PRO C 108 -23.90 0.74 13.85
C PRO C 108 -22.97 0.27 14.97
N SER C 109 -23.54 -0.41 15.95
CA SER C 109 -22.76 -0.96 17.05
C SER C 109 -21.73 -1.95 16.52
N LEU C 110 -22.20 -2.80 15.61
CA LEU C 110 -21.36 -3.79 14.97
C LEU C 110 -20.22 -3.11 14.22
N LEU C 111 -20.52 -1.96 13.61
CA LEU C 111 -19.49 -1.20 12.90
C LEU C 111 -18.44 -0.69 13.87
N THR C 112 -18.88 -0.22 15.02
CA THR C 112 -17.95 0.26 16.03
C THR C 112 -16.99 -0.85 16.46
N PHE C 113 -17.54 -2.02 16.74
CA PHE C 113 -16.68 -3.15 17.09
C PHE C 113 -15.81 -3.65 15.93
N LEU C 114 -16.29 -3.52 14.70
CA LEU C 114 -15.51 -3.88 13.53
C LEU C 114 -14.27 -3.01 13.43
N ASN C 115 -14.49 -1.70 13.54
CA ASN C 115 -13.39 -0.73 13.52
C ASN C 115 -12.44 -1.04 14.66
N LEU C 116 -13.00 -1.43 15.80
CA LEU C 116 -12.20 -1.81 16.96
C LEU C 116 -11.33 -3.04 16.70
N PHE C 117 -11.86 -4.03 15.97
CA PHE C 117 -11.07 -5.20 15.58
C PHE C 117 -9.91 -4.76 14.69
N ALA C 118 -10.24 -3.88 13.75
CA ALA C 118 -9.25 -3.40 12.80
C ALA C 118 -8.11 -2.70 13.52
N GLN C 119 -8.45 -1.90 14.54
CA GLN C 119 -7.44 -1.16 15.29
C GLN C 119 -6.53 -2.06 16.13
N ARG C 120 -7.06 -3.17 16.63
CA ARG C 120 -6.27 -4.08 17.47
C ARG C 120 -5.73 -5.31 16.75
N GLU C 121 -5.83 -5.32 15.42
CA GLU C 121 -5.31 -6.41 14.61
C GLU C 121 -5.92 -7.75 15.08
N LEU C 122 -7.24 -7.74 15.26
CA LEU C 122 -7.94 -8.90 15.80
C LEU C 122 -8.71 -9.69 14.74
N ASN C 123 -8.18 -10.87 14.41
CA ASN C 123 -8.81 -11.77 13.45
C ASN C 123 -9.22 -11.01 12.20
N VAL C 124 -8.24 -10.51 11.48
CA VAL C 124 -8.48 -9.69 10.30
C VAL C 124 -9.28 -10.38 9.17
N PRO C 125 -9.06 -11.70 8.92
CA PRO C 125 -9.88 -12.27 7.83
C PRO C 125 -11.36 -12.21 8.15
N LEU C 126 -11.71 -12.56 9.40
CA LEU C 126 -13.09 -12.56 9.84
C LEU C 126 -13.67 -11.16 9.70
N THR C 127 -12.90 -10.17 10.13
CA THR C 127 -13.34 -8.77 10.09
C THR C 127 -13.59 -8.30 8.65
N CYS C 128 -12.69 -8.66 7.74
CA CYS C 128 -12.84 -8.31 6.33
C CYS C 128 -14.09 -8.96 5.73
N ARG C 129 -14.29 -10.24 6.07
CA ARG C 129 -15.44 -10.99 5.56
C ARG C 129 -16.74 -10.36 6.08
N ILE C 130 -16.72 -9.94 7.33
CA ILE C 130 -17.86 -9.28 7.96
C ILE C 130 -18.19 -7.96 7.27
N LEU C 131 -17.17 -7.14 7.00
CA LEU C 131 -17.39 -5.87 6.33
C LEU C 131 -17.99 -6.12 4.95
N PHE C 132 -17.40 -7.06 4.22
CA PHE C 132 -17.89 -7.40 2.89
C PHE C 132 -19.35 -7.87 2.91
N PHE C 133 -19.72 -8.65 3.93
CA PHE C 133 -21.09 -9.14 4.02
C PHE C 133 -22.06 -8.03 4.38
N VAL C 134 -21.66 -7.18 5.33
CA VAL C 134 -22.49 -6.04 5.74
C VAL C 134 -22.76 -5.15 4.54
N LEU C 135 -21.74 -4.92 3.73
CA LEU C 135 -21.87 -4.09 2.54
C LEU C 135 -22.72 -4.76 1.46
N LYS C 136 -22.63 -6.09 1.39
CA LYS C 136 -23.31 -6.84 0.35
C LYS C 136 -24.82 -6.89 0.58
N THR C 137 -25.24 -6.95 1.84
CA THR C 137 -26.66 -6.91 2.17
C THR C 137 -27.03 -5.55 2.77
N HIS C 138 -28.28 -5.38 3.15
CA HIS C 138 -28.77 -4.18 3.81
C HIS C 138 -28.46 -2.90 3.02
N THR C 147 -25.69 7.72 5.44
CA THR C 147 -25.05 8.53 6.46
C THR C 147 -24.01 7.71 7.22
N MET C 148 -24.36 6.45 7.47
CA MET C 148 -23.47 5.47 8.10
C MET C 148 -22.30 5.08 7.19
N ARG C 149 -22.40 5.41 5.91
CA ARG C 149 -21.39 5.09 4.91
C ARG C 149 -19.99 5.58 5.31
N ALA C 150 -19.94 6.75 5.96
CA ALA C 150 -18.67 7.31 6.42
C ALA C 150 -17.99 6.39 7.44
N THR C 151 -18.79 5.79 8.32
CA THR C 151 -18.28 4.84 9.30
C THR C 151 -17.65 3.66 8.58
N LEU C 152 -18.31 3.22 7.52
CA LEU C 152 -17.81 2.15 6.67
C LEU C 152 -16.47 2.54 6.01
N GLU C 153 -16.36 3.80 5.58
CA GLU C 153 -15.10 4.31 5.02
C GLU C 153 -14.00 4.23 6.08
N LYS C 154 -14.37 4.57 7.31
CA LYS C 154 -13.45 4.53 8.44
C LYS C 154 -12.94 3.11 8.68
N VAL C 155 -13.89 2.18 8.75
CA VAL C 155 -13.59 0.77 9.01
C VAL C 155 -12.73 0.17 7.91
N ARG C 156 -13.06 0.45 6.65
CA ARG C 156 -12.29 -0.09 5.53
C ARG C 156 -10.89 0.50 5.53
N ALA C 157 -10.78 1.78 5.90
CA ALA C 157 -9.47 2.43 5.99
C ALA C 157 -8.59 1.72 7.00
N ASN C 158 -9.13 1.55 8.21
CA ASN C 158 -8.41 0.84 9.26
C ASN C 158 -8.04 -0.59 8.85
N LEU C 159 -8.95 -1.26 8.14
CA LEU C 159 -8.70 -2.60 7.63
C LEU C 159 -7.54 -2.65 6.64
N ARG C 160 -7.60 -1.79 5.62
CA ARG C 160 -6.55 -1.71 4.60
C ARG C 160 -5.22 -1.43 5.27
N ALA C 161 -5.24 -0.56 6.28
CA ALA C 161 -4.04 -0.25 7.06
C ALA C 161 -3.47 -1.47 7.79
N ALA C 162 -4.33 -2.21 8.48
CA ALA C 162 -3.87 -3.40 9.21
C ALA C 162 -3.29 -4.44 8.25
N LEU C 163 -4.00 -4.61 7.14
CA LEU C 163 -3.59 -5.50 6.07
C LEU C 163 -2.22 -5.14 5.52
N ARG C 164 -2.01 -3.88 5.19
CA ARG C 164 -0.70 -3.44 4.70
C ARG C 164 0.39 -3.65 5.73
N ARG C 165 0.06 -3.40 6.99
CA ARG C 165 1.04 -3.58 8.06
C ARG C 165 1.53 -5.03 8.10
N GLN C 166 0.63 -5.98 8.30
CA GLN C 166 1.07 -7.38 8.38
C GLN C 166 1.58 -7.94 7.05
N LYS C 167 1.08 -7.43 5.93
CA LYS C 167 1.59 -7.89 4.64
C LYS C 167 3.06 -7.51 4.53
N ASP C 168 3.37 -6.25 4.84
CA ASP C 168 4.76 -5.81 4.80
C ASP C 168 5.59 -6.60 5.78
N GLU C 169 5.02 -6.87 6.94
CA GLU C 169 5.71 -7.65 7.97
C GLU C 169 6.10 -9.05 7.47
N MET C 170 5.16 -9.73 6.83
CA MET C 170 5.44 -11.05 6.29
C MET C 170 6.43 -10.99 5.12
N GLY C 171 6.37 -9.90 4.36
CA GLY C 171 7.33 -9.70 3.28
C GLY C 171 8.73 -9.63 3.85
N PHE C 172 8.88 -8.82 4.89
CA PHE C 172 10.16 -8.70 5.59
C PHE C 172 10.65 -10.05 6.11
N ASN C 173 9.78 -10.77 6.81
CA ASN C 173 10.16 -12.07 7.37
C ASN C 173 10.59 -13.07 6.30
N ILE C 174 9.87 -13.09 5.19
CA ILE C 174 10.22 -13.96 4.07
C ILE C 174 11.58 -13.59 3.49
N ALA C 175 11.80 -12.28 3.27
CA ALA C 175 13.07 -11.80 2.76
C ALA C 175 14.24 -12.21 3.66
N ALA C 176 14.08 -12.00 4.96
CA ALA C 176 15.09 -12.37 5.94
C ALA C 176 15.36 -13.88 5.88
N LEU C 177 14.29 -14.67 5.89
CA LEU C 177 14.40 -16.11 5.81
C LEU C 177 15.18 -16.54 4.57
N LYS C 178 14.93 -15.86 3.44
CA LYS C 178 15.66 -16.14 2.21
C LYS C 178 17.14 -15.81 2.32
N VAL C 179 17.47 -14.65 2.87
CA VAL C 179 18.86 -14.26 3.02
C VAL C 179 19.62 -15.23 3.93
N VAL C 180 19.05 -15.50 5.11
CA VAL C 180 19.67 -16.38 6.09
C VAL C 180 19.76 -17.82 5.61
N SER C 181 18.75 -18.27 4.85
CA SER C 181 18.83 -19.58 4.22
C SER C 181 19.95 -19.61 3.19
N MET C 182 20.07 -18.52 2.44
CA MET C 182 21.09 -18.41 1.40
C MET C 182 22.47 -18.43 2.04
N GLN C 183 22.59 -17.76 3.20
CA GLN C 183 23.87 -17.68 3.90
C GLN C 183 24.21 -18.95 4.64
N LEU C 184 23.43 -20.01 4.40
CA LEU C 184 23.70 -21.32 4.97
C LEU C 184 24.26 -22.25 3.91
N PRO D 30 5.57 -24.08 28.03
CA PRO D 30 5.75 -23.48 26.70
C PRO D 30 4.45 -22.97 26.08
N GLY D 31 3.30 -23.41 26.59
CA GLY D 31 2.03 -22.93 26.10
C GLY D 31 1.74 -21.53 26.61
N ARG D 32 2.00 -21.32 27.89
CA ARG D 32 1.84 -20.01 28.51
C ARG D 32 2.80 -19.00 27.88
N LEU D 33 3.89 -19.48 27.30
CA LEU D 33 4.80 -18.63 26.53
C LEU D 33 4.05 -18.03 25.36
N LEU D 34 3.36 -18.90 24.61
CA LEU D 34 2.50 -18.47 23.52
C LEU D 34 1.43 -17.50 24.03
N ASN D 35 0.87 -17.80 25.20
CA ASN D 35 -0.12 -16.92 25.81
C ASN D 35 0.39 -15.49 26.05
N LEU D 36 1.53 -15.38 26.72
CA LEU D 36 2.13 -14.08 27.00
C LEU D 36 2.50 -13.35 25.71
N PHE D 37 3.12 -14.07 24.78
CA PHE D 37 3.47 -13.51 23.48
C PHE D 37 2.23 -12.96 22.78
N THR D 38 1.09 -13.61 23.00
CA THR D 38 -0.16 -13.15 22.42
C THR D 38 -0.62 -11.87 23.12
N ASN D 39 -0.51 -11.85 24.45
CA ASN D 39 -0.93 -10.70 25.24
C ASN D 39 -0.15 -9.41 24.95
N VAL D 40 1.17 -9.54 24.82
CA VAL D 40 2.01 -8.37 24.64
C VAL D 40 1.77 -7.67 23.30
N VAL D 41 1.28 -8.42 22.31
CA VAL D 41 1.06 -7.87 20.98
C VAL D 41 -0.41 -7.54 20.72
N THR D 42 -1.26 -7.86 21.69
CA THR D 42 -2.69 -7.61 21.54
C THR D 42 -3.13 -6.50 22.49
N THR D 43 -2.16 -5.82 23.08
CA THR D 43 -2.40 -4.79 24.10
C THR D 43 -3.40 -3.73 23.63
N ARG D 44 -4.24 -3.29 24.57
CA ARG D 44 -5.24 -2.25 24.33
C ARG D 44 -4.61 -1.02 23.70
N ASN D 45 -3.48 -0.61 24.25
CA ASN D 45 -2.69 0.46 23.67
C ASN D 45 -1.21 0.26 23.99
N PRO D 46 -0.41 -0.02 22.95
CA PRO D 46 1.00 -0.35 23.13
C PRO D 46 1.92 0.85 23.11
N ASP D 47 3.07 0.69 23.75
CA ASP D 47 4.15 1.65 23.66
C ASP D 47 4.57 1.78 22.20
N PRO D 48 4.46 2.99 21.63
CA PRO D 48 4.96 3.22 20.27
C PRO D 48 6.46 2.97 20.18
N ASP D 49 7.01 3.08 18.97
CA ASP D 49 8.43 2.84 18.68
C ASP D 49 8.99 1.61 19.39
N SER D 50 8.25 0.51 19.36
CA SER D 50 8.75 -0.77 19.88
C SER D 50 8.26 -1.93 19.02
N LEU D 51 9.15 -2.89 18.78
CA LEU D 51 8.87 -4.05 17.93
C LEU D 51 7.61 -4.78 18.37
N THR D 52 7.72 -5.55 19.46
CA THR D 52 6.59 -6.24 20.03
C THR D 52 5.55 -5.25 20.55
N GLY D 53 6.03 -4.25 21.27
CA GLY D 53 5.17 -3.22 21.85
C GLY D 53 5.59 -2.87 23.26
N LEU D 54 6.58 -3.60 23.78
CA LEU D 54 7.11 -3.36 25.12
C LEU D 54 8.64 -3.41 25.08
N LYS D 55 9.29 -2.29 25.38
CA LYS D 55 10.74 -2.17 25.27
C LYS D 55 11.49 -3.22 26.09
N ALA D 56 10.85 -3.70 27.16
CA ALA D 56 11.44 -4.73 28.01
C ALA D 56 11.66 -6.03 27.23
N VAL D 57 10.57 -6.61 26.73
CA VAL D 57 10.64 -7.88 26.00
C VAL D 57 11.41 -7.70 24.68
N ASP D 58 11.44 -6.47 24.18
CA ASP D 58 12.31 -6.15 23.05
C ASP D 58 13.76 -6.37 23.44
N ASP D 59 14.15 -5.76 24.57
CA ASP D 59 15.46 -5.95 25.15
C ASP D 59 15.74 -7.43 25.38
N VAL D 60 14.69 -8.18 25.74
CA VAL D 60 14.82 -9.62 25.93
C VAL D 60 15.21 -10.29 24.62
N LEU D 61 14.41 -10.09 23.58
CA LEU D 61 14.67 -10.70 22.28
C LEU D 61 16.00 -10.26 21.69
N ALA D 62 16.50 -9.11 22.15
CA ALA D 62 17.83 -8.64 21.77
C ALA D 62 18.90 -9.60 22.30
N LYS D 63 18.70 -10.10 23.51
CA LYS D 63 19.69 -10.98 24.16
C LYS D 63 19.17 -12.39 24.46
N LEU D 64 19.65 -13.37 23.69
CA LEU D 64 19.44 -14.78 24.01
C LEU D 64 20.73 -15.57 23.79
N SER D 65 20.69 -16.87 24.05
CA SER D 65 21.91 -17.67 24.18
C SER D 65 22.27 -18.56 22.97
N ASP D 66 21.74 -18.22 21.80
CA ASP D 66 21.98 -18.97 20.56
C ASP D 66 21.49 -20.43 20.65
N GLU D 67 20.90 -20.77 21.78
CA GLU D 67 20.23 -22.05 21.96
C GLU D 67 18.89 -21.77 22.63
N GLN D 68 18.69 -20.50 23.01
CA GLN D 68 17.40 -20.01 23.47
C GLN D 68 16.59 -19.52 22.27
N ILE D 69 17.20 -18.65 21.46
CA ILE D 69 16.64 -18.17 20.21
C ILE D 69 16.13 -19.33 19.37
N PHE D 70 16.90 -20.40 19.35
CA PHE D 70 16.58 -21.59 18.58
C PHE D 70 15.27 -22.23 19.01
N GLN D 71 15.17 -22.56 20.30
CA GLN D 71 13.94 -23.11 20.87
C GLN D 71 12.78 -22.17 20.58
N LEU D 72 13.03 -20.87 20.72
CA LEU D 72 12.02 -19.86 20.45
C LEU D 72 11.48 -19.99 19.03
N LEU D 73 12.36 -20.07 18.04
CA LEU D 73 11.90 -20.16 16.65
C LEU D 73 11.39 -21.57 16.32
N LEU D 74 11.73 -22.55 17.14
CA LEU D 74 11.13 -23.87 17.02
C LEU D 74 9.65 -23.73 17.34
N ARG D 75 9.36 -23.11 18.48
CA ARG D 75 7.98 -22.84 18.86
C ARG D 75 7.31 -21.90 17.85
N LEU D 76 8.10 -21.01 17.24
CA LEU D 76 7.59 -20.09 16.22
C LEU D 76 7.14 -20.84 14.97
N ARG D 77 7.88 -21.90 14.62
CA ARG D 77 7.48 -22.79 13.55
C ARG D 77 6.18 -23.51 13.94
N ASP D 78 6.21 -24.16 15.10
CA ASP D 78 5.06 -24.89 15.63
C ASP D 78 3.77 -24.06 15.60
N TRP D 79 3.90 -22.77 15.90
CA TRP D 79 2.74 -21.88 15.94
C TRP D 79 2.38 -21.31 14.56
N ASN D 80 3.39 -21.07 13.74
CA ASN D 80 3.21 -20.56 12.40
C ASN D 80 2.45 -21.56 11.53
N THR D 81 2.57 -22.84 11.86
CA THR D 81 1.80 -23.88 11.18
C THR D 81 0.30 -23.63 11.25
N ASN D 82 -0.16 -23.15 12.40
CA ASN D 82 -1.60 -22.95 12.65
C ASN D 82 -2.05 -21.52 12.41
N ALA D 83 -3.12 -21.37 11.64
CA ALA D 83 -3.57 -20.08 11.11
C ALA D 83 -3.84 -19.02 12.18
N ARG D 84 -4.59 -19.40 13.21
CA ARG D 84 -5.05 -18.42 14.20
C ARG D 84 -3.92 -17.86 15.05
N THR D 85 -2.86 -18.64 15.24
CA THR D 85 -1.75 -18.21 16.07
C THR D 85 -0.58 -17.69 15.24
N ALA D 86 -0.74 -17.74 13.92
CA ALA D 86 0.30 -17.30 12.99
C ALA D 86 0.74 -15.84 13.15
N PRO D 87 -0.22 -14.88 13.24
CA PRO D 87 0.24 -13.48 13.24
C PRO D 87 1.14 -13.12 14.42
N VAL D 88 0.89 -13.73 15.57
CA VAL D 88 1.69 -13.49 16.77
C VAL D 88 3.10 -14.02 16.57
N ALA D 89 3.19 -15.23 16.03
CA ALA D 89 4.47 -15.86 15.72
C ALA D 89 5.23 -15.04 14.69
N GLN D 90 4.49 -14.40 13.79
CA GLN D 90 5.07 -13.56 12.75
C GLN D 90 5.61 -12.26 13.36
N ARG D 91 4.88 -11.71 14.32
CA ARG D 91 5.33 -10.53 15.03
C ARG D 91 6.62 -10.82 15.79
N VAL D 92 6.62 -11.93 16.52
CA VAL D 92 7.80 -12.36 17.27
C VAL D 92 8.99 -12.57 16.32
N LEU D 93 8.73 -13.24 15.20
CA LEU D 93 9.76 -13.52 14.21
C LEU D 93 10.31 -12.24 13.58
N TRP D 94 9.45 -11.24 13.42
CA TRP D 94 9.82 -9.96 12.82
C TRP D 94 10.70 -9.18 13.79
N ALA D 95 10.28 -9.16 15.05
CA ALA D 95 11.09 -8.56 16.11
C ALA D 95 12.46 -9.22 16.19
N LEU D 96 12.48 -10.54 15.99
CA LEU D 96 13.73 -11.30 16.07
C LEU D 96 14.63 -11.05 14.87
N PHE D 97 14.02 -10.84 13.71
CA PHE D 97 14.76 -10.66 12.47
C PHE D 97 15.43 -9.29 12.37
N LYS D 98 14.98 -8.35 13.19
CA LYS D 98 15.55 -7.01 13.19
C LYS D 98 16.64 -6.86 14.25
N SER D 99 16.93 -7.93 14.96
CA SER D 99 17.83 -7.85 16.11
C SER D 99 19.17 -8.57 15.93
N HIS D 100 19.34 -9.31 14.84
CA HIS D 100 20.50 -10.18 14.73
C HIS D 100 21.03 -10.27 13.29
N PRO D 101 22.26 -10.81 13.12
CA PRO D 101 22.79 -10.96 11.76
C PRO D 101 22.02 -12.01 10.96
N GLU D 121 17.23 -25.29 7.28
CA GLU D 121 16.49 -26.55 7.35
C GLU D 121 15.21 -26.37 8.18
N VAL D 122 15.27 -25.47 9.15
CA VAL D 122 14.12 -25.11 9.96
C VAL D 122 13.50 -23.85 9.39
N LEU D 123 14.37 -22.96 8.92
CA LEU D 123 13.95 -21.71 8.31
C LEU D 123 13.14 -21.95 7.03
N ASP D 124 13.38 -23.09 6.38
CA ASP D 124 12.56 -23.57 5.26
C ASP D 124 11.11 -23.78 5.69
N ALA D 125 10.95 -24.57 6.75
CA ALA D 125 9.64 -24.92 7.29
C ALA D 125 8.85 -23.69 7.72
N ILE D 126 9.54 -22.65 8.17
CA ILE D 126 8.87 -21.39 8.50
C ILE D 126 8.50 -20.66 7.21
N LYS D 127 9.47 -20.59 6.30
CA LYS D 127 9.32 -19.87 5.04
C LYS D 127 8.10 -20.31 4.25
N VAL D 128 7.93 -21.62 4.10
CA VAL D 128 6.86 -22.15 3.27
C VAL D 128 5.47 -21.69 3.76
N TYR D 129 5.19 -21.92 5.05
CA TYR D 129 3.93 -21.50 5.64
C TYR D 129 3.76 -19.99 5.61
N THR D 130 4.87 -19.28 5.80
CA THR D 130 4.83 -17.82 5.78
C THR D 130 4.40 -17.31 4.41
N GLU D 131 4.90 -17.95 3.35
CA GLU D 131 4.55 -17.58 1.98
C GLU D 131 3.10 -17.95 1.67
N ARG D 132 2.67 -19.10 2.17
CA ARG D 132 1.26 -19.48 2.07
C ARG D 132 0.37 -18.38 2.66
N HIS D 133 0.68 -17.97 3.88
CA HIS D 133 -0.08 -16.91 4.53
C HIS D 133 -0.02 -15.60 3.72
N TYR D 134 1.15 -15.32 3.16
CA TYR D 134 1.33 -14.11 2.37
C TYR D 134 0.34 -14.10 1.21
N LYS D 135 0.19 -15.25 0.55
CA LYS D 135 -0.77 -15.34 -0.55
C LYS D 135 -2.21 -15.19 -0.05
N ARG D 136 -2.53 -15.84 1.06
CA ARG D 136 -3.86 -15.69 1.66
C ARG D 136 -4.23 -14.21 1.87
N ILE D 137 -3.28 -13.48 2.45
CA ILE D 137 -3.46 -12.05 2.68
C ILE D 137 -3.60 -11.30 1.36
N GLU D 138 -2.80 -11.66 0.35
CA GLU D 138 -2.94 -11.04 -0.98
C GLU D 138 -4.37 -11.15 -1.52
N GLU D 139 -4.93 -12.34 -1.41
CA GLU D 139 -6.33 -12.56 -1.76
C GLU D 139 -7.24 -11.61 -0.98
N LEU D 140 -7.05 -11.55 0.34
CA LEU D 140 -7.80 -10.61 1.17
C LEU D 140 -7.71 -9.18 0.60
N VAL D 141 -6.54 -8.81 0.09
CA VAL D 141 -6.34 -7.48 -0.49
C VAL D 141 -7.17 -7.26 -1.76
N ASP D 142 -7.14 -8.24 -2.67
CA ASP D 142 -8.00 -8.16 -3.86
C ASP D 142 -9.46 -7.89 -3.44
N GLU D 143 -9.92 -8.65 -2.45
CA GLU D 143 -11.26 -8.43 -1.93
C GLU D 143 -11.43 -6.99 -1.43
N SER D 144 -10.41 -6.51 -0.70
CA SER D 144 -10.38 -5.14 -0.20
C SER D 144 -10.56 -4.14 -1.33
N TYR D 145 -10.06 -4.48 -2.52
CA TYR D 145 -10.25 -3.61 -3.68
C TYR D 145 -11.70 -3.60 -4.10
N LEU D 146 -12.32 -4.78 -4.18
CA LEU D 146 -13.75 -4.83 -4.50
C LEU D 146 -14.59 -3.97 -3.53
N VAL D 147 -14.39 -4.21 -2.23
CA VAL D 147 -15.07 -3.49 -1.17
C VAL D 147 -14.85 -1.99 -1.28
N GLU D 148 -13.60 -1.62 -1.55
CA GLU D 148 -13.27 -0.21 -1.69
C GLU D 148 -14.03 0.41 -2.84
N TYR D 149 -14.19 -0.34 -3.92
CA TYR D 149 -14.91 0.20 -5.06
C TYR D 149 -16.40 0.39 -4.79
N THR D 150 -17.06 -0.62 -4.20
CA THR D 150 -18.54 -0.61 -4.11
C THR D 150 -19.13 0.70 -3.59
N LEU D 151 -18.48 1.28 -2.58
CA LEU D 151 -18.90 2.60 -2.12
C LEU D 151 -18.06 3.68 -2.80
#